data_6EFY
#
_entry.id   6EFY
#
_cell.length_a   104.578
_cell.length_b   104.578
_cell.length_c   102.195
_cell.angle_alpha   90.00
_cell.angle_beta   90.00
_cell.angle_gamma   120.00
#
_symmetry.space_group_name_H-M   'P 3 2 1'
#
loop_
_entity.id
_entity.type
_entity.pdbx_description
1 polymer 'Dpr-interacting protein alpha, isoform A'
2 branched 2-acetamido-2-deoxy-beta-D-glucopyranose-(1-4)-[alpha-L-fucopyranose-(1-6)]2-acetamido-2-deoxy-beta-D-glucopyranose
3 non-polymer GLYCEROL
4 water water
#
_entity_poly.entity_id   1
_entity_poly.type   'polypeptide(L)'
_entity_poly.pdbx_seq_one_letter_code
;FQPEFVESISNVSVAVGRDATFTCHVRHLGGYRVGWLKADTKAIQAIHENVITHNPRVTVSHLDQNTWNLHIKAVSEEDR
GGYMCQLNTDPMKSQIGFLDVVIPPDFISEDTSSDVIVPEGSSVRLTCRARGYPEPIVTWRREDGNEIVLKDNVGTKTLA
PSFRGEVLKLSKISRNEMGSYLCIASNGVPPSVSKRISLSIHFHPVIQVPNQLVGAPLGTDVQIECHVEASPKSINYWIK
DTGEMIVTSGKYHVQESSQSMYETKMSMIVRKFQKDDVGSYRCIAKNSLGEVDSSIRLYEIPHHHHHH
;
_entity_poly.pdbx_strand_id   A
#
loop_
_chem_comp.id
_chem_comp.type
_chem_comp.name
_chem_comp.formula
FUC L-saccharide, alpha linking alpha-L-fucopyranose 'C6 H12 O5'
GOL non-polymer GLYCEROL 'C3 H8 O3'
NAG D-saccharide, beta linking 2-acetamido-2-deoxy-beta-D-glucopyranose 'C8 H15 N O6'
#
# COMPACT_ATOMS: atom_id res chain seq x y z
N PHE A 1 35.79 -35.79 -39.55
CA PHE A 1 34.77 -34.80 -39.24
C PHE A 1 35.31 -33.67 -38.37
N GLN A 2 34.58 -32.55 -38.33
CA GLN A 2 34.86 -31.42 -37.48
C GLN A 2 33.75 -31.27 -36.44
N PRO A 3 34.08 -30.85 -35.21
CA PRO A 3 33.03 -30.62 -34.21
C PRO A 3 32.05 -29.55 -34.67
N GLU A 4 30.76 -29.89 -34.59
CA GLU A 4 29.68 -28.95 -34.87
C GLU A 4 28.62 -29.10 -33.78
N PHE A 5 27.75 -28.10 -33.66
CA PHE A 5 26.66 -28.18 -32.70
C PHE A 5 25.32 -28.04 -33.42
N VAL A 6 24.27 -28.36 -32.67
CA VAL A 6 22.90 -28.40 -33.17
C VAL A 6 21.98 -27.75 -32.14
N GLU A 7 20.88 -27.16 -32.63
CA GLU A 7 19.74 -26.71 -31.83
C GLU A 7 19.99 -25.40 -31.11
N SER A 8 21.26 -25.05 -30.88
CA SER A 8 21.65 -23.84 -30.17
C SER A 8 21.31 -23.93 -28.68
N ILE A 9 21.28 -22.77 -28.01
CA ILE A 9 21.30 -22.76 -26.55
C ILE A 9 20.19 -21.92 -25.92
N SER A 10 19.61 -20.96 -26.65
CA SER A 10 18.38 -20.25 -26.25
C SER A 10 18.56 -19.31 -25.06
N ASN A 11 17.83 -18.19 -25.10
CA ASN A 11 17.87 -17.15 -24.09
C ASN A 11 17.05 -17.56 -22.86
N VAL A 12 17.33 -16.91 -21.73
CA VAL A 12 16.78 -17.31 -20.43
C VAL A 12 16.49 -16.07 -19.60
N SER A 13 15.24 -15.96 -19.11
CA SER A 13 14.86 -15.00 -18.08
C SER A 13 14.66 -15.73 -16.76
N VAL A 14 15.08 -15.12 -15.65
CA VAL A 14 15.18 -15.92 -14.42
C VAL A 14 14.79 -15.19 -13.14
N ALA A 15 15.21 -13.93 -12.99
CA ALA A 15 15.00 -13.10 -11.80
C ALA A 15 15.97 -13.42 -10.66
N VAL A 16 16.25 -12.40 -9.84
CA VAL A 16 17.38 -12.47 -8.90
C VAL A 16 17.25 -13.66 -7.95
N GLY A 17 18.37 -13.96 -7.29
CA GLY A 17 18.43 -15.04 -6.32
C GLY A 17 18.16 -16.43 -6.84
N ARG A 18 17.69 -16.57 -8.08
CA ARG A 18 17.37 -17.88 -8.63
C ARG A 18 18.52 -18.42 -9.48
N ASP A 19 18.52 -19.73 -9.71
CA ASP A 19 19.58 -20.36 -10.49
C ASP A 19 19.28 -20.26 -11.99
N ALA A 20 20.31 -20.52 -12.79
CA ALA A 20 20.18 -20.46 -14.24
C ALA A 20 21.23 -21.37 -14.88
N THR A 21 20.94 -21.81 -16.11
CA THR A 21 21.79 -22.76 -16.81
C THR A 21 21.72 -22.53 -18.31
N PHE A 22 22.88 -22.52 -18.96
CA PHE A 22 22.99 -22.50 -20.42
C PHE A 22 23.65 -23.78 -20.90
N THR A 23 23.20 -24.30 -22.04
CA THR A 23 23.65 -25.61 -22.50
C THR A 23 23.87 -25.60 -24.01
N CYS A 24 25.01 -26.15 -24.44
CA CYS A 24 25.36 -26.25 -25.85
C CYS A 24 25.33 -27.71 -26.28
N HIS A 25 24.71 -27.99 -27.42
CA HIS A 25 24.49 -29.35 -27.91
C HIS A 25 25.45 -29.62 -29.09
N VAL A 26 26.60 -30.18 -28.77
CA VAL A 26 27.65 -30.39 -29.76
C VAL A 26 27.59 -31.83 -30.27
N ARG A 27 28.31 -32.08 -31.37
CA ARG A 27 28.43 -33.41 -31.94
C ARG A 27 29.83 -33.55 -32.55
N HIS A 28 30.38 -34.76 -32.49
CA HIS A 28 31.73 -35.05 -32.98
C HIS A 28 32.77 -34.17 -32.30
N LEU A 29 32.61 -33.98 -30.98
CA LEU A 29 33.48 -33.08 -30.24
C LEU A 29 34.95 -33.49 -30.39
N GLY A 30 35.24 -34.77 -30.24
CA GLY A 30 36.60 -35.24 -30.44
C GLY A 30 37.56 -34.68 -29.41
N GLY A 31 38.69 -34.16 -29.88
CA GLY A 31 39.73 -33.67 -29.00
C GLY A 31 39.75 -32.17 -28.81
N TYR A 32 38.65 -31.50 -29.12
CA TYR A 32 38.53 -30.06 -28.94
C TYR A 32 37.82 -29.76 -27.62
N ARG A 33 37.98 -28.53 -27.15
CA ARG A 33 37.48 -28.13 -25.85
C ARG A 33 36.32 -27.13 -25.99
N VAL A 34 35.41 -27.17 -25.04
CA VAL A 34 34.27 -26.26 -24.99
C VAL A 34 34.48 -25.30 -23.84
N GLY A 35 34.52 -24.00 -24.15
CA GLY A 35 34.75 -22.99 -23.14
C GLY A 35 33.64 -21.95 -23.14
N TRP A 36 33.50 -21.30 -21.99
CA TRP A 36 32.48 -20.26 -21.79
C TRP A 36 33.18 -18.96 -21.43
N LEU A 37 32.62 -17.85 -21.92
CA LEU A 37 33.05 -16.55 -21.42
C LEU A 37 31.88 -15.57 -21.48
N LYS A 38 31.83 -14.70 -20.48
CA LYS A 38 30.81 -13.66 -20.43
C LYS A 38 30.99 -12.69 -21.60
N ALA A 39 29.93 -12.51 -22.39
CA ALA A 39 30.08 -11.82 -23.67
C ALA A 39 30.45 -10.35 -23.49
N ASP A 40 29.77 -9.63 -22.60
CA ASP A 40 29.96 -8.18 -22.54
C ASP A 40 31.28 -7.82 -21.90
N THR A 41 31.62 -8.46 -20.78
CA THR A 41 32.90 -8.20 -20.15
C THR A 41 34.04 -8.90 -20.88
N LYS A 42 33.74 -9.87 -21.73
CA LYS A 42 34.72 -10.72 -22.41
C LYS A 42 35.52 -11.55 -21.42
N ALA A 43 35.00 -11.72 -20.20
CA ALA A 43 35.70 -12.45 -19.15
C ALA A 43 35.53 -13.94 -19.36
N ILE A 44 36.66 -14.66 -19.44
CA ILE A 44 36.62 -16.11 -19.59
C ILE A 44 35.99 -16.71 -18.34
N GLN A 45 34.88 -17.43 -18.53
CA GLN A 45 34.25 -18.13 -17.42
C GLN A 45 34.87 -19.51 -17.19
N ALA A 46 34.95 -20.33 -18.24
CA ALA A 46 35.44 -21.68 -18.08
C ALA A 46 35.98 -22.21 -19.40
N ILE A 47 36.72 -23.31 -19.32
CA ILE A 47 37.13 -24.09 -20.49
C ILE A 47 37.05 -25.57 -20.10
N HIS A 48 36.32 -26.36 -20.89
CA HIS A 48 36.15 -27.78 -20.61
C HIS A 48 35.55 -27.99 -19.23
N GLU A 49 36.32 -28.59 -18.32
CA GLU A 49 35.85 -28.81 -16.96
C GLU A 49 36.48 -27.85 -15.96
N ASN A 50 37.41 -27.00 -16.39
CA ASN A 50 38.09 -26.08 -15.49
C ASN A 50 37.34 -24.76 -15.42
N VAL A 51 37.18 -24.24 -14.20
CA VAL A 51 36.55 -22.94 -13.97
C VAL A 51 37.64 -21.90 -13.82
N ILE A 52 37.54 -20.80 -14.58
CA ILE A 52 38.58 -19.78 -14.60
C ILE A 52 38.19 -18.58 -13.75
N THR A 53 36.98 -18.08 -13.90
CA THR A 53 36.57 -16.91 -13.13
C THR A 53 36.44 -17.27 -11.65
N HIS A 54 36.80 -16.32 -10.80
CA HIS A 54 36.66 -16.50 -9.37
C HIS A 54 35.31 -16.01 -8.85
N ASN A 55 34.35 -15.81 -9.74
CA ASN A 55 32.96 -15.63 -9.36
C ASN A 55 32.46 -16.96 -8.81
N PRO A 56 32.14 -17.06 -7.52
CA PRO A 56 31.83 -18.38 -6.95
C PRO A 56 30.54 -18.99 -7.50
N ARG A 57 29.59 -18.18 -7.93
CA ARG A 57 28.30 -18.67 -8.40
C ARG A 57 28.38 -19.40 -9.74
N VAL A 58 29.56 -19.55 -10.32
CA VAL A 58 29.73 -20.06 -11.68
C VAL A 58 30.33 -21.46 -11.60
N THR A 59 29.67 -22.42 -12.26
CA THR A 59 30.13 -23.81 -12.28
C THR A 59 29.91 -24.39 -13.67
N VAL A 60 30.59 -25.52 -13.92
CA VAL A 60 30.46 -26.24 -15.18
C VAL A 60 30.11 -27.70 -14.87
N SER A 61 29.54 -28.36 -15.86
CA SER A 61 29.18 -29.76 -15.74
C SER A 61 28.94 -30.33 -17.14
N HIS A 62 29.08 -31.64 -17.24
CA HIS A 62 28.76 -32.35 -18.48
C HIS A 62 28.54 -33.82 -18.14
N LEU A 63 27.68 -34.47 -18.92
CA LEU A 63 27.45 -35.90 -18.76
C LEU A 63 28.12 -36.72 -19.84
N ASP A 64 28.50 -36.10 -20.95
CA ASP A 64 29.13 -36.80 -22.07
C ASP A 64 29.95 -35.79 -22.86
N GLN A 65 30.39 -36.19 -24.04
CA GLN A 65 31.01 -35.27 -24.99
C GLN A 65 29.98 -34.72 -25.98
N ASN A 66 28.78 -34.39 -25.50
CA ASN A 66 27.68 -34.05 -26.38
C ASN A 66 26.90 -32.84 -25.89
N THR A 67 26.75 -32.69 -24.57
CA THR A 67 26.05 -31.56 -23.98
C THR A 67 26.88 -30.99 -22.84
N TRP A 68 27.13 -29.68 -22.90
CA TRP A 68 27.98 -28.98 -21.93
C TRP A 68 27.19 -27.82 -21.33
N ASN A 69 27.20 -27.73 -20.00
CA ASN A 69 26.37 -26.77 -19.28
C ASN A 69 27.22 -25.75 -18.54
N LEU A 70 26.68 -24.54 -18.41
CA LEU A 70 27.23 -23.51 -17.55
C LEU A 70 26.14 -23.08 -16.58
N HIS A 71 26.48 -23.04 -15.29
CA HIS A 71 25.49 -22.81 -14.23
C HIS A 71 25.84 -21.56 -13.45
N ILE A 72 24.85 -20.69 -13.26
CA ILE A 72 24.95 -19.53 -12.38
C ILE A 72 23.98 -19.74 -11.23
N LYS A 73 24.52 -19.75 -10.01
CA LYS A 73 23.75 -20.02 -8.81
C LYS A 73 23.35 -18.70 -8.16
N ALA A 74 22.05 -18.49 -7.99
CA ALA A 74 21.51 -17.26 -7.41
C ALA A 74 22.02 -16.04 -8.16
N VAL A 75 21.45 -15.84 -9.35
CA VAL A 75 21.95 -14.81 -10.24
C VAL A 75 21.75 -13.43 -9.63
N SER A 76 22.60 -12.49 -10.05
CA SER A 76 22.49 -11.08 -9.68
C SER A 76 22.37 -10.24 -10.94
N GLU A 77 22.26 -8.92 -10.75
CA GLU A 77 22.13 -8.03 -11.90
C GLU A 77 23.41 -7.99 -12.72
N GLU A 78 24.57 -8.18 -12.09
CA GLU A 78 25.82 -8.19 -12.83
C GLU A 78 25.94 -9.40 -13.74
N ASP A 79 25.21 -10.48 -13.44
CA ASP A 79 25.31 -11.69 -14.25
C ASP A 79 24.57 -11.57 -15.57
N ARG A 80 23.69 -10.58 -15.73
CA ARG A 80 22.91 -10.51 -16.94
C ARG A 80 23.77 -10.10 -18.11
N GLY A 81 23.41 -10.59 -19.28
CA GLY A 81 24.16 -10.35 -20.50
C GLY A 81 24.34 -11.64 -21.25
N GLY A 82 25.35 -11.65 -22.11
CA GLY A 82 25.59 -12.79 -22.97
C GLY A 82 26.47 -13.84 -22.34
N TYR A 83 26.25 -15.08 -22.73
CA TYR A 83 27.07 -16.21 -22.32
C TYR A 83 27.38 -17.04 -23.56
N MET A 84 28.66 -17.08 -23.93
CA MET A 84 29.10 -17.68 -25.18
C MET A 84 29.88 -18.95 -24.88
N CYS A 85 29.41 -20.08 -25.43
CA CYS A 85 30.20 -21.29 -25.49
C CYS A 85 30.86 -21.36 -26.85
N GLN A 86 32.12 -21.74 -26.87
CA GLN A 86 32.90 -21.76 -28.10
C GLN A 86 33.76 -23.00 -28.14
N LEU A 87 33.87 -23.60 -29.33
CA LEU A 87 34.83 -24.66 -29.56
C LEU A 87 36.12 -24.05 -30.05
N ASN A 88 37.24 -24.55 -29.55
CA ASN A 88 38.54 -24.01 -29.92
C ASN A 88 39.03 -24.50 -31.28
N THR A 89 38.12 -24.65 -32.24
CA THR A 89 38.49 -24.97 -33.62
C THR A 89 39.27 -23.79 -34.21
N ASP A 90 39.75 -23.95 -35.43
CA ASP A 90 40.43 -22.85 -36.11
C ASP A 90 39.90 -22.71 -37.53
N PRO A 91 39.06 -21.67 -37.77
CA PRO A 91 38.64 -20.67 -36.79
C PRO A 91 37.59 -21.21 -35.83
N MET A 92 37.39 -20.52 -34.70
CA MET A 92 36.50 -21.03 -33.67
C MET A 92 35.04 -20.79 -34.04
N LYS A 93 34.18 -21.68 -33.58
CA LYS A 93 32.74 -21.54 -33.72
C LYS A 93 32.13 -21.38 -32.33
N SER A 94 31.01 -20.68 -32.26
CA SER A 94 30.46 -20.29 -30.96
C SER A 94 28.95 -20.13 -31.04
N GLN A 95 28.29 -20.51 -29.95
CA GLN A 95 26.89 -20.18 -29.68
C GLN A 95 26.82 -19.08 -28.63
N ILE A 96 25.78 -18.26 -28.73
CA ILE A 96 25.60 -17.13 -27.82
C ILE A 96 24.23 -17.24 -27.15
N GLY A 97 24.19 -16.95 -25.85
CA GLY A 97 22.97 -16.99 -25.09
C GLY A 97 22.88 -15.87 -24.09
N PHE A 98 21.68 -15.29 -23.91
CA PHE A 98 21.49 -14.09 -23.12
C PHE A 98 20.71 -14.39 -21.86
N LEU A 99 21.24 -13.96 -20.73
CA LEU A 99 20.60 -14.12 -19.42
C LEU A 99 19.89 -12.83 -19.07
N ASP A 100 18.56 -12.89 -19.01
CA ASP A 100 17.73 -11.73 -18.65
C ASP A 100 17.36 -11.86 -17.18
N VAL A 101 17.72 -10.87 -16.38
CA VAL A 101 17.52 -10.90 -14.94
C VAL A 101 16.49 -9.83 -14.58
N VAL A 102 15.30 -10.27 -14.12
CA VAL A 102 14.25 -9.37 -13.68
C VAL A 102 14.36 -9.19 -12.17
N ILE A 103 13.99 -8.01 -11.69
CA ILE A 103 14.08 -7.73 -10.26
C ILE A 103 12.72 -7.29 -9.73
N PRO A 104 12.32 -7.75 -8.55
CA PRO A 104 11.02 -7.37 -8.00
C PRO A 104 11.01 -5.92 -7.57
N PRO A 105 9.83 -5.33 -7.37
CA PRO A 105 9.78 -3.90 -7.07
C PRO A 105 10.29 -3.59 -5.68
N ASP A 106 10.85 -2.38 -5.55
CA ASP A 106 11.35 -1.90 -4.26
C ASP A 106 11.12 -0.40 -4.24
N PHE A 107 10.53 0.09 -3.16
CA PHE A 107 10.16 1.50 -3.08
C PHE A 107 11.39 2.39 -3.06
N ILE A 108 11.24 3.58 -3.64
CA ILE A 108 12.23 4.65 -3.51
C ILE A 108 11.75 5.50 -2.34
N SER A 109 12.24 5.17 -1.14
CA SER A 109 11.71 5.76 0.08
C SER A 109 11.78 7.28 0.08
N GLU A 110 12.76 7.86 -0.62
CA GLU A 110 12.85 9.31 -0.69
C GLU A 110 11.67 9.91 -1.44
N ASP A 111 11.06 9.15 -2.36
CA ASP A 111 9.97 9.65 -3.18
C ASP A 111 8.60 9.30 -2.65
N THR A 112 8.48 8.20 -1.90
CA THR A 112 7.18 7.81 -1.36
C THR A 112 6.74 8.75 -0.24
N SER A 113 5.47 9.10 -0.23
CA SER A 113 4.96 10.09 0.70
C SER A 113 4.87 9.52 2.10
N SER A 114 4.74 10.42 3.07
CA SER A 114 4.44 10.07 4.46
C SER A 114 3.00 10.46 4.76
N ASP A 115 2.57 10.22 6.00
CA ASP A 115 1.24 10.64 6.42
C ASP A 115 1.13 12.15 6.31
N VAL A 116 0.04 12.62 5.70
CA VAL A 116 -0.19 14.05 5.51
C VAL A 116 -1.40 14.48 6.30
N ILE A 117 -1.40 15.74 6.73
CA ILE A 117 -2.52 16.39 7.39
C ILE A 117 -2.85 17.61 6.53
N VAL A 118 -3.85 17.49 5.67
CA VAL A 118 -4.16 18.54 4.73
C VAL A 118 -5.39 19.32 5.19
N PRO A 119 -5.48 20.61 4.88
CA PRO A 119 -6.69 21.37 5.22
C PRO A 119 -7.82 21.04 4.27
N GLU A 120 -9.04 21.01 4.82
CA GLU A 120 -10.20 20.69 4.00
C GLU A 120 -10.37 21.72 2.89
N GLY A 121 -10.57 21.23 1.67
CA GLY A 121 -10.83 22.07 0.51
C GLY A 121 -9.65 22.22 -0.43
N SER A 122 -8.44 21.96 0.03
CA SER A 122 -7.24 22.17 -0.77
C SER A 122 -6.94 20.93 -1.62
N SER A 123 -5.84 20.99 -2.36
CA SER A 123 -5.41 19.88 -3.21
C SER A 123 -4.21 19.19 -2.58
N VAL A 124 -4.07 17.89 -2.87
CA VAL A 124 -3.01 17.06 -2.31
C VAL A 124 -2.48 16.14 -3.39
N ARG A 125 -1.18 15.88 -3.34
CA ARG A 125 -0.54 14.89 -4.20
C ARG A 125 0.04 13.78 -3.33
N LEU A 126 -0.22 12.55 -3.73
CA LEU A 126 0.33 11.37 -3.06
C LEU A 126 1.25 10.66 -4.03
N THR A 127 2.44 10.31 -3.56
CA THR A 127 3.50 9.85 -4.45
C THR A 127 4.05 8.51 -4.00
N CYS A 128 4.13 7.57 -4.93
CA CYS A 128 4.81 6.30 -4.69
C CYS A 128 5.65 5.96 -5.90
N ARG A 129 6.93 5.68 -5.69
CA ARG A 129 7.84 5.28 -6.74
C ARG A 129 8.62 4.06 -6.29
N ALA A 130 8.76 3.10 -7.20
CA ALA A 130 9.55 1.90 -6.95
C ALA A 130 10.40 1.61 -8.16
N ARG A 131 11.61 1.12 -7.90
CA ARG A 131 12.53 0.69 -8.95
C ARG A 131 12.40 -0.81 -9.14
N GLY A 132 12.58 -1.24 -10.39
CA GLY A 132 12.50 -2.64 -10.71
C GLY A 132 12.48 -2.91 -12.19
N TYR A 133 12.76 -4.15 -12.56
CA TYR A 133 12.75 -4.57 -13.95
C TYR A 133 11.88 -5.82 -14.10
N PRO A 134 10.85 -5.75 -14.96
CA PRO A 134 10.48 -4.58 -15.77
C PRO A 134 9.91 -3.42 -14.98
N GLU A 135 9.54 -2.36 -15.69
CA GLU A 135 9.07 -1.14 -15.06
C GLU A 135 7.86 -1.44 -14.19
N PRO A 136 7.93 -1.19 -12.89
CA PRO A 136 6.78 -1.45 -12.01
C PRO A 136 5.62 -0.51 -12.30
N ILE A 137 4.43 -0.98 -11.95
CA ILE A 137 3.20 -0.19 -12.07
C ILE A 137 2.69 0.12 -10.68
N VAL A 138 2.22 1.35 -10.48
CA VAL A 138 1.71 1.80 -9.19
C VAL A 138 0.20 1.96 -9.29
N THR A 139 -0.52 1.25 -8.43
CA THR A 139 -1.98 1.35 -8.36
C THR A 139 -2.39 1.79 -6.96
N TRP A 140 -3.29 2.77 -6.90
CA TRP A 140 -3.77 3.32 -5.63
C TRP A 140 -5.16 2.78 -5.31
N ARG A 141 -5.39 2.49 -4.04
CA ARG A 141 -6.69 2.05 -3.56
C ARG A 141 -6.94 2.68 -2.19
N ARG A 142 -8.21 2.73 -1.81
CA ARG A 142 -8.59 3.08 -0.46
C ARG A 142 -8.60 1.82 0.39
N GLU A 143 -8.06 1.92 1.61
CA GLU A 143 -7.92 0.73 2.43
C GLU A 143 -9.28 0.21 2.91
N ASP A 144 -10.24 1.11 3.10
CA ASP A 144 -11.56 0.67 3.56
C ASP A 144 -12.43 0.10 2.44
N GLY A 145 -12.02 0.27 1.18
CA GLY A 145 -12.73 -0.28 0.06
C GLY A 145 -13.51 0.73 -0.76
N ASN A 146 -13.72 1.93 -0.24
CA ASN A 146 -14.47 2.93 -0.99
C ASN A 146 -13.72 3.37 -2.24
N GLU A 147 -14.39 4.18 -3.04
CA GLU A 147 -13.80 4.68 -4.28
C GLU A 147 -13.02 5.97 -4.02
N ILE A 148 -12.19 6.31 -4.99
CA ILE A 148 -11.36 7.52 -4.95
C ILE A 148 -12.02 8.58 -5.83
N VAL A 149 -12.03 9.82 -5.36
CA VAL A 149 -12.58 10.91 -6.15
C VAL A 149 -11.54 11.36 -7.16
N LEU A 150 -11.87 11.26 -8.45
CA LEU A 150 -10.99 11.63 -9.55
C LEU A 150 -11.59 12.84 -10.25
N LYS A 151 -10.94 13.99 -10.11
CA LYS A 151 -11.39 15.23 -10.73
C LYS A 151 -10.44 15.63 -11.85
N ASP A 152 -10.96 16.47 -12.75
CA ASP A 152 -10.14 17.13 -13.76
C ASP A 152 -10.85 18.41 -14.17
N ASN A 153 -10.08 19.34 -14.75
CA ASN A 153 -10.53 20.70 -15.04
C ASN A 153 -10.95 21.32 -13.71
N VAL A 154 -12.18 21.80 -13.56
CA VAL A 154 -12.71 22.23 -12.27
C VAL A 154 -14.21 21.97 -12.26
N GLY A 155 -14.72 21.40 -13.35
CA GLY A 155 -16.13 21.10 -13.48
C GLY A 155 -16.42 19.72 -14.02
N THR A 156 -15.58 18.75 -13.69
CA THR A 156 -15.82 17.35 -14.06
C THR A 156 -15.12 16.46 -13.06
N LYS A 157 -15.87 15.61 -12.36
CA LYS A 157 -15.28 14.74 -11.36
C LYS A 157 -16.05 13.43 -11.31
N THR A 158 -15.32 12.32 -11.31
CA THR A 158 -15.89 10.98 -11.29
C THR A 158 -15.36 10.21 -10.08
N LEU A 159 -15.75 8.93 -10.00
CA LEU A 159 -15.29 8.05 -8.95
C LEU A 159 -14.77 6.75 -9.58
N ALA A 160 -13.82 6.13 -8.89
CA ALA A 160 -13.16 4.92 -9.40
C ALA A 160 -12.67 4.10 -8.21
N PRO A 161 -12.70 2.77 -8.30
CA PRO A 161 -12.21 1.95 -7.19
C PRO A 161 -10.69 1.99 -7.05
N SER A 162 -9.96 2.30 -8.12
CA SER A 162 -8.52 2.35 -8.08
C SER A 162 -8.04 3.39 -9.09
N PHE A 163 -6.78 3.79 -8.93
CA PHE A 163 -6.13 4.71 -9.87
C PHE A 163 -4.72 4.22 -10.16
N ARG A 164 -4.33 4.24 -11.43
CA ARG A 164 -3.02 3.81 -11.86
C ARG A 164 -2.14 5.01 -12.16
N GLY A 165 -0.95 5.02 -11.58
CA GLY A 165 -0.03 6.13 -11.71
C GLY A 165 0.78 6.26 -10.43
N GLU A 166 2.01 6.77 -10.57
CA GLU A 166 2.87 6.93 -9.41
C GLU A 166 2.45 8.10 -8.54
N VAL A 167 1.69 9.06 -9.07
CA VAL A 167 1.23 10.22 -8.33
C VAL A 167 -0.28 10.27 -8.38
N LEU A 168 -0.91 10.29 -7.21
CA LEU A 168 -2.37 10.35 -7.09
C LEU A 168 -2.75 11.78 -6.75
N LYS A 169 -3.42 12.46 -7.68
CA LYS A 169 -3.81 13.85 -7.51
C LYS A 169 -5.22 13.92 -6.97
N LEU A 170 -5.36 14.37 -5.73
CA LEU A 170 -6.65 14.58 -5.10
C LEU A 170 -6.82 16.08 -4.91
N SER A 171 -7.65 16.68 -5.75
CA SER A 171 -7.88 18.12 -5.72
C SER A 171 -9.20 18.44 -5.02
N LYS A 172 -9.25 19.62 -4.40
CA LYS A 172 -10.43 20.12 -3.71
C LYS A 172 -11.01 19.07 -2.77
N ILE A 173 -10.24 18.83 -1.70
CA ILE A 173 -10.52 17.72 -0.80
C ILE A 173 -11.79 17.99 0.01
N SER A 174 -12.51 16.92 0.33
CA SER A 174 -13.67 16.98 1.19
C SER A 174 -13.49 15.99 2.34
N ARG A 175 -14.26 16.19 3.41
CA ARG A 175 -14.15 15.35 4.60
C ARG A 175 -14.22 13.87 4.28
N ASN A 176 -14.98 13.49 3.25
CA ASN A 176 -15.18 12.07 2.95
C ASN A 176 -13.89 11.41 2.51
N GLU A 177 -13.01 12.13 1.83
CA GLU A 177 -11.82 11.53 1.23
C GLU A 177 -10.72 11.25 2.24
N MET A 178 -10.94 11.53 3.52
CA MET A 178 -9.94 11.19 4.52
C MET A 178 -9.86 9.69 4.70
N GLY A 179 -8.74 9.23 5.27
CA GLY A 179 -8.53 7.82 5.54
C GLY A 179 -7.25 7.32 4.92
N SER A 180 -7.00 6.03 5.13
CA SER A 180 -5.80 5.39 4.62
C SER A 180 -5.94 5.08 3.14
N TYR A 181 -4.92 5.45 2.37
CA TYR A 181 -4.78 5.05 0.98
C TYR A 181 -3.65 4.06 0.85
N LEU A 182 -3.76 3.15 -0.11
CA LEU A 182 -2.74 2.15 -0.37
C LEU A 182 -2.21 2.32 -1.78
N CYS A 183 -0.89 2.37 -1.90
CA CYS A 183 -0.22 2.24 -3.19
C CYS A 183 0.53 0.91 -3.20
N ILE A 184 0.37 0.15 -4.28
CA ILE A 184 1.08 -1.11 -4.43
C ILE A 184 1.84 -1.07 -5.75
N ALA A 185 3.06 -1.58 -5.72
CA ALA A 185 3.96 -1.58 -6.87
C ALA A 185 4.16 -3.01 -7.33
N SER A 186 3.75 -3.30 -8.57
CA SER A 186 3.78 -4.64 -9.12
C SER A 186 4.47 -4.59 -10.47
N ASN A 187 5.49 -5.41 -10.65
CA ASN A 187 6.14 -5.55 -11.94
C ASN A 187 5.93 -6.93 -12.54
N GLY A 188 4.99 -7.71 -11.99
CA GLY A 188 4.84 -9.08 -12.39
C GLY A 188 5.84 -10.03 -11.78
N VAL A 189 6.69 -9.55 -10.89
CA VAL A 189 7.72 -10.37 -10.25
C VAL A 189 7.43 -10.36 -8.76
N PRO A 190 7.24 -11.52 -8.13
CA PRO A 190 6.96 -11.57 -6.69
C PRO A 190 8.20 -11.21 -5.88
N PRO A 191 8.01 -10.53 -4.74
CA PRO A 191 6.70 -10.08 -4.26
C PRO A 191 6.43 -8.63 -4.59
N SER A 192 5.17 -8.31 -4.89
CA SER A 192 4.78 -6.92 -4.98
C SER A 192 4.87 -6.28 -3.61
N VAL A 193 5.01 -4.95 -3.60
CA VAL A 193 5.16 -4.22 -2.34
C VAL A 193 4.08 -3.15 -2.24
N SER A 194 3.69 -2.86 -1.01
CA SER A 194 2.63 -1.90 -0.73
C SER A 194 3.06 -0.96 0.38
N LYS A 195 2.37 0.17 0.48
CA LYS A 195 2.57 1.09 1.60
C LYS A 195 1.24 1.74 1.93
N ARG A 196 1.00 1.94 3.22
CA ARG A 196 -0.21 2.59 3.71
C ARG A 196 0.09 4.05 4.01
N ILE A 197 -0.69 4.94 3.40
CA ILE A 197 -0.52 6.38 3.55
C ILE A 197 -1.82 6.97 4.08
N SER A 198 -1.71 7.74 5.15
CA SER A 198 -2.85 8.22 5.92
C SER A 198 -3.12 9.68 5.59
N LEU A 199 -4.17 9.92 4.81
CA LEU A 199 -4.62 11.29 4.52
C LEU A 199 -5.52 11.76 5.64
N SER A 200 -5.09 12.80 6.35
CA SER A 200 -5.84 13.34 7.48
C SER A 200 -6.44 14.69 7.10
N ILE A 201 -7.69 14.88 7.45
CA ILE A 201 -8.35 16.18 7.38
C ILE A 201 -8.87 16.51 8.77
N HIS A 202 -8.51 17.67 9.28
CA HIS A 202 -8.80 18.05 10.66
C HIS A 202 -9.64 19.33 10.69
N PHE A 203 -10.49 19.41 11.72
CA PHE A 203 -11.32 20.59 11.92
C PHE A 203 -11.83 20.61 13.35
N HIS A 204 -12.30 21.79 13.75
CA HIS A 204 -12.92 21.94 15.06
C HIS A 204 -14.16 21.04 15.15
N PRO A 205 -14.41 20.43 16.31
CA PRO A 205 -15.67 19.70 16.48
C PRO A 205 -16.87 20.63 16.35
N VAL A 206 -17.92 20.12 15.70
CA VAL A 206 -19.14 20.87 15.44
C VAL A 206 -20.32 20.01 15.89
N ILE A 207 -21.22 20.59 16.68
CA ILE A 207 -22.33 19.86 17.30
C ILE A 207 -23.64 20.39 16.74
N GLN A 208 -24.45 19.48 16.19
CA GLN A 208 -25.81 19.80 15.76
C GLN A 208 -26.81 19.08 16.65
N VAL A 209 -27.81 19.80 17.11
CA VAL A 209 -28.80 19.30 18.07
C VAL A 209 -30.18 19.40 17.45
N PRO A 210 -30.73 18.29 16.97
CA PRO A 210 -32.18 18.24 16.74
C PRO A 210 -32.89 18.21 18.09
N ASN A 211 -33.88 19.10 18.23
CA ASN A 211 -34.64 19.25 19.47
C ASN A 211 -33.72 19.69 20.61
N GLN A 212 -33.56 21.00 20.77
CA GLN A 212 -32.91 21.55 21.94
C GLN A 212 -33.87 21.72 23.10
N LEU A 213 -35.14 21.36 22.90
CA LEU A 213 -36.16 21.41 23.93
C LEU A 213 -36.93 20.09 23.89
N VAL A 214 -36.95 19.38 25.01
CA VAL A 214 -37.61 18.08 25.09
C VAL A 214 -38.58 18.09 26.28
N GLY A 215 -39.81 17.66 26.02
CA GLY A 215 -40.83 17.58 27.06
C GLY A 215 -40.98 16.16 27.56
N ALA A 216 -41.02 16.03 28.89
CA ALA A 216 -41.15 14.75 29.55
C ALA A 216 -42.32 14.78 30.53
N PRO A 217 -43.23 13.82 30.45
CA PRO A 217 -44.15 13.59 31.56
C PRO A 217 -43.46 12.79 32.66
N LEU A 218 -43.72 13.19 33.91
CA LEU A 218 -43.04 12.58 35.05
C LEU A 218 -43.15 11.06 35.01
N GLY A 219 -42.03 10.39 35.29
CA GLY A 219 -42.00 8.95 35.33
C GLY A 219 -41.69 8.25 34.02
N THR A 220 -41.53 9.00 32.93
CA THR A 220 -41.17 8.40 31.66
C THR A 220 -39.65 8.42 31.45
N ASP A 221 -39.21 7.79 30.37
CA ASP A 221 -37.83 7.85 29.92
C ASP A 221 -37.74 8.76 28.69
N VAL A 222 -36.79 9.69 28.71
CA VAL A 222 -36.59 10.61 27.60
C VAL A 222 -35.15 10.54 27.12
N GLN A 223 -34.98 10.55 25.80
CA GLN A 223 -33.67 10.50 25.17
C GLN A 223 -33.37 11.84 24.52
N ILE A 224 -32.22 12.40 24.84
CA ILE A 224 -31.71 13.60 24.18
C ILE A 224 -30.47 13.21 23.40
N GLU A 225 -30.27 13.84 22.25
CA GLU A 225 -29.19 13.47 21.34
C GLU A 225 -28.43 14.71 20.89
N CYS A 226 -27.13 14.50 20.64
CA CYS A 226 -26.26 15.48 19.99
C CYS A 226 -25.52 14.78 18.86
N HIS A 227 -25.35 15.47 17.74
CA HIS A 227 -24.63 14.95 16.58
C HIS A 227 -23.34 15.74 16.41
N VAL A 228 -22.22 15.05 16.56
CA VAL A 228 -20.89 15.66 16.56
C VAL A 228 -20.21 15.36 15.23
N GLU A 229 -19.50 16.36 14.70
CA GLU A 229 -18.71 16.23 13.49
C GLU A 229 -17.32 16.78 13.81
N ALA A 230 -16.35 15.89 14.02
CA ALA A 230 -15.06 16.28 14.55
C ALA A 230 -13.96 15.42 13.94
N SER A 231 -12.78 16.00 13.78
CA SER A 231 -11.62 15.26 13.27
C SER A 231 -10.31 15.92 13.73
N PRO A 232 -9.45 15.15 14.43
CA PRO A 232 -9.60 13.74 14.82
C PRO A 232 -10.77 13.50 15.78
N LYS A 233 -11.16 12.23 15.94
CA LYS A 233 -12.36 11.90 16.69
C LYS A 233 -12.31 12.50 18.09
N SER A 234 -13.46 13.02 18.53
CA SER A 234 -13.54 13.76 19.77
C SER A 234 -13.93 12.86 20.92
N ILE A 235 -13.44 13.20 22.11
CA ILE A 235 -13.83 12.53 23.34
C ILE A 235 -15.01 13.29 23.91
N ASN A 236 -16.13 12.59 24.07
CA ASN A 236 -17.42 13.21 24.35
C ASN A 236 -17.97 12.75 25.68
N TYR A 237 -18.83 13.59 26.26
CA TYR A 237 -19.49 13.29 27.54
C TYR A 237 -20.61 14.29 27.77
N TRP A 238 -21.60 13.88 28.55
CA TRP A 238 -22.68 14.75 29.01
C TRP A 238 -22.37 15.25 30.42
N ILE A 239 -22.94 16.40 30.76
CA ILE A 239 -22.66 17.07 32.02
C ILE A 239 -23.93 17.71 32.56
N LYS A 240 -24.12 17.63 33.88
CA LYS A 240 -25.26 18.25 34.54
C LYS A 240 -25.17 19.77 34.47
N ASP A 241 -26.31 20.43 34.72
CA ASP A 241 -26.33 21.88 34.73
C ASP A 241 -25.44 22.43 35.84
N THR A 242 -25.42 21.76 36.99
CA THR A 242 -24.55 22.19 38.09
C THR A 242 -23.08 22.11 37.67
N GLY A 243 -22.70 21.03 36.99
CA GLY A 243 -21.33 20.82 36.59
C GLY A 243 -20.82 19.45 36.96
N GLU A 244 -21.70 18.45 36.89
CA GLU A 244 -21.37 17.07 37.25
C GLU A 244 -21.57 16.17 36.05
N MET A 245 -20.58 15.32 35.78
CA MET A 245 -20.62 14.48 34.58
C MET A 245 -21.62 13.34 34.74
N ILE A 246 -22.29 12.99 33.65
CA ILE A 246 -23.21 11.85 33.61
C ILE A 246 -22.49 10.66 33.00
N VAL A 247 -22.49 9.54 33.71
CA VAL A 247 -22.08 8.25 33.16
C VAL A 247 -23.25 7.30 33.34
N THR A 248 -23.29 6.27 32.50
CA THR A 248 -24.36 5.28 32.56
C THR A 248 -24.48 4.71 33.95
N SER A 249 -25.71 4.68 34.46
CA SER A 249 -26.00 4.13 35.78
C SER A 249 -27.40 3.53 35.73
N GLY A 250 -28.02 3.37 36.90
CA GLY A 250 -29.41 2.95 36.92
C GLY A 250 -30.35 4.06 36.47
N LYS A 251 -29.95 5.31 36.69
CA LYS A 251 -30.75 6.49 36.34
C LYS A 251 -30.53 6.94 34.91
N TYR A 252 -29.28 6.95 34.44
CA TYR A 252 -28.93 7.44 33.11
C TYR A 252 -28.41 6.32 32.23
N HIS A 253 -28.28 6.61 30.94
CA HIS A 253 -27.76 5.65 29.97
C HIS A 253 -27.13 6.44 28.83
N VAL A 254 -25.80 6.44 28.77
CA VAL A 254 -25.05 7.19 27.77
C VAL A 254 -24.57 6.24 26.68
N GLN A 255 -24.58 6.71 25.44
CA GLN A 255 -24.07 5.93 24.32
C GLN A 255 -23.44 6.86 23.30
N GLU A 256 -22.62 6.28 22.43
CA GLU A 256 -22.08 6.94 21.26
C GLU A 256 -22.27 6.03 20.05
N SER A 257 -22.01 6.57 18.87
CA SER A 257 -22.25 5.85 17.62
C SER A 257 -21.59 6.58 16.45
N SER A 258 -20.73 5.89 15.70
CA SER A 258 -19.90 6.53 14.68
C SER A 258 -20.35 6.07 13.30
N GLN A 259 -20.94 6.99 12.54
CA GLN A 259 -21.29 6.72 11.15
C GLN A 259 -20.08 6.76 10.23
N SER A 260 -18.97 7.33 10.69
CA SER A 260 -17.75 7.46 9.91
C SER A 260 -16.62 7.81 10.86
N MET A 261 -15.45 8.15 10.30
CA MET A 261 -14.33 8.57 11.13
C MET A 261 -14.63 9.88 11.85
N TYR A 262 -15.32 10.80 11.17
CA TYR A 262 -15.50 12.16 11.67
C TYR A 262 -16.90 12.45 12.18
N GLU A 263 -17.78 11.44 12.24
CA GLU A 263 -19.15 11.64 12.70
C GLU A 263 -19.40 10.76 13.92
N THR A 264 -20.11 11.33 14.90
CA THR A 264 -20.48 10.61 16.11
C THR A 264 -21.86 11.06 16.55
N LYS A 265 -22.72 10.09 16.88
CA LYS A 265 -24.07 10.35 17.39
C LYS A 265 -24.09 9.95 18.85
N MET A 266 -23.90 10.91 19.75
CA MET A 266 -23.99 10.66 21.17
C MET A 266 -25.42 10.90 21.65
N SER A 267 -25.87 10.04 22.57
CA SER A 267 -27.23 10.14 23.09
C SER A 267 -27.21 9.82 24.59
N MET A 268 -28.11 10.46 25.31
CA MET A 268 -28.30 10.19 26.74
C MET A 268 -29.78 9.96 27.00
N ILE A 269 -30.08 8.93 27.78
CA ILE A 269 -31.42 8.66 28.28
C ILE A 269 -31.42 8.88 29.78
N VAL A 270 -32.45 9.55 30.29
CA VAL A 270 -32.67 9.69 31.71
C VAL A 270 -33.99 9.01 32.05
N ARG A 271 -33.93 7.98 32.90
CA ARG A 271 -35.10 7.18 33.20
C ARG A 271 -35.94 7.83 34.29
N LYS A 272 -37.26 7.61 34.19
CA LYS A 272 -38.22 8.06 35.21
C LYS A 272 -38.03 9.53 35.53
N PHE A 273 -38.55 10.41 34.68
CA PHE A 273 -38.37 11.84 34.85
C PHE A 273 -39.04 12.31 36.14
N GLN A 274 -38.31 13.09 36.92
CA GLN A 274 -38.81 13.63 38.18
C GLN A 274 -38.58 15.13 38.23
N LYS A 275 -39.31 15.79 39.13
CA LYS A 275 -39.10 17.22 39.38
C LYS A 275 -37.65 17.55 39.65
N ASP A 276 -36.85 16.56 40.07
CA ASP A 276 -35.43 16.76 40.31
C ASP A 276 -34.63 16.83 39.02
N ASP A 277 -35.10 16.16 37.96
CA ASP A 277 -34.37 16.07 36.71
C ASP A 277 -34.57 17.28 35.80
N VAL A 278 -35.52 18.16 36.11
CA VAL A 278 -35.79 19.32 35.26
C VAL A 278 -34.57 20.23 35.23
N GLY A 279 -34.26 20.74 34.04
CA GLY A 279 -33.13 21.63 33.83
C GLY A 279 -32.47 21.34 32.50
N SER A 280 -31.31 21.95 32.29
CA SER A 280 -30.56 21.80 31.05
C SER A 280 -29.44 20.79 31.21
N TYR A 281 -29.12 20.13 30.11
CA TYR A 281 -28.03 19.16 30.05
C TYR A 281 -27.15 19.49 28.86
N ARG A 282 -25.84 19.57 29.09
CA ARG A 282 -24.89 19.92 28.05
C ARG A 282 -24.14 18.67 27.55
N CYS A 283 -23.97 18.60 26.25
CA CYS A 283 -23.13 17.58 25.60
C CYS A 283 -21.84 18.26 25.14
N ILE A 284 -20.70 17.64 25.45
CA ILE A 284 -19.39 18.25 25.25
C ILE A 284 -18.53 17.35 24.40
N ALA A 285 -17.93 17.91 23.35
CA ALA A 285 -17.06 17.19 22.42
C ALA A 285 -15.70 17.87 22.37
N LYS A 286 -14.64 17.14 22.68
CA LYS A 286 -13.29 17.70 22.67
C LYS A 286 -12.34 16.83 21.86
N ASN A 287 -11.62 17.45 20.90
CA ASN A 287 -10.45 16.81 20.32
C ASN A 287 -9.22 17.73 20.48
N SER A 288 -8.17 17.47 19.70
CA SER A 288 -6.93 18.20 19.88
C SER A 288 -7.04 19.65 19.41
N LEU A 289 -7.94 19.93 18.46
CA LEU A 289 -8.05 21.28 17.91
C LEU A 289 -8.91 22.19 18.78
N GLY A 290 -9.77 21.65 19.61
CA GLY A 290 -10.64 22.46 20.45
C GLY A 290 -11.82 21.67 20.94
N GLU A 291 -12.57 22.31 21.83
CA GLU A 291 -13.76 21.71 22.42
C GLU A 291 -14.94 22.66 22.28
N VAL A 292 -16.14 22.08 22.21
CA VAL A 292 -17.37 22.85 22.05
C VAL A 292 -18.48 22.12 22.78
N ASP A 293 -19.44 22.88 23.30
CA ASP A 293 -20.59 22.32 23.99
C ASP A 293 -21.88 22.85 23.39
N SER A 294 -22.97 22.17 23.70
CA SER A 294 -24.31 22.59 23.34
C SER A 294 -25.26 22.18 24.47
N SER A 295 -26.36 22.91 24.62
CA SER A 295 -27.24 22.75 25.76
C SER A 295 -28.64 22.35 25.33
N ILE A 296 -29.18 21.29 25.94
CA ILE A 296 -30.54 20.83 25.72
C ILE A 296 -31.32 21.03 27.01
N ARG A 297 -32.50 21.63 26.92
CA ARG A 297 -33.34 21.92 28.08
C ARG A 297 -34.45 20.88 28.19
N LEU A 298 -34.50 20.20 29.33
CA LEU A 298 -35.55 19.23 29.62
C LEU A 298 -36.57 19.87 30.56
N TYR A 299 -37.84 19.82 30.19
CA TYR A 299 -38.90 20.43 30.97
C TYR A 299 -40.00 19.39 31.25
N GLU A 300 -40.85 19.73 32.21
CA GLU A 300 -41.92 18.85 32.67
C GLU A 300 -43.23 19.18 31.96
N ILE A 301 -43.91 18.14 31.48
CA ILE A 301 -45.27 18.26 30.97
C ILE A 301 -46.22 17.99 32.14
N PRO A 302 -46.98 18.97 32.60
CA PRO A 302 -47.60 18.90 33.93
C PRO A 302 -48.82 17.98 33.95
N HIS A 303 -49.37 17.82 35.16
CA HIS A 303 -50.47 16.93 35.51
C HIS A 303 -50.79 15.83 34.49
C1 NAG B . 18.24 -14.30 -28.05
C2 NAG B . 18.06 -15.11 -29.35
C3 NAG B . 18.64 -14.34 -30.55
C4 NAG B . 18.11 -12.91 -30.61
C5 NAG B . 18.36 -12.22 -29.28
C6 NAG B . 17.79 -10.83 -29.23
C7 NAG B . 18.06 -17.56 -29.47
C8 NAG B . 18.89 -18.80 -29.34
N2 NAG B . 18.69 -16.41 -29.24
O3 NAG B . 18.32 -15.05 -31.74
O4 NAG B . 18.82 -12.16 -31.60
O5 NAG B . 17.72 -12.98 -28.23
O6 NAG B . 18.82 -9.85 -29.04
O7 NAG B . 16.87 -17.60 -29.76
C1 NAG B . 18.33 -12.25 -32.95
C2 NAG B . 18.86 -11.05 -33.73
C3 NAG B . 18.53 -11.16 -35.22
C4 NAG B . 18.97 -12.50 -35.77
C5 NAG B . 18.35 -13.62 -34.95
C6 NAG B . 18.78 -14.99 -35.39
C7 NAG B . 19.10 -8.90 -32.55
C8 NAG B . 18.40 -7.67 -32.06
N2 NAG B . 18.35 -9.80 -33.18
O3 NAG B . 19.16 -10.10 -35.93
O4 NAG B . 18.59 -12.64 -37.14
O5 NAG B . 18.75 -13.47 -33.58
O6 NAG B . 20.13 -15.27 -35.00
O7 NAG B . 20.31 -9.09 -32.36
C1 FUC B . 19.02 -9.68 -27.62
C2 FUC B . 20.18 -8.68 -27.38
C3 FUC B . 19.95 -7.81 -26.13
C4 FUC B . 19.20 -8.58 -25.02
C5 FUC B . 17.87 -9.15 -25.57
C6 FUC B . 17.57 -10.58 -25.10
O2 FUC B . 20.42 -7.86 -28.53
O3 FUC B . 21.20 -7.36 -25.60
O4 FUC B . 20.01 -9.62 -24.48
O5 FUC B . 17.85 -9.19 -27.01
C1 GOL C . 3.80 14.50 -1.38
O1 GOL C . 4.64 13.37 -1.34
C2 GOL C . 3.33 14.84 0.04
O2 GOL C . 2.78 16.12 0.04
C3 GOL C . 4.51 14.79 1.02
O3 GOL C . 4.58 13.52 1.61
#